data_3O2Y
#
_entry.id   3O2Y
#
_cell.length_a   90.221
_cell.length_b   90.221
_cell.length_c   35.635
_cell.angle_alpha   90.00
_cell.angle_beta   90.00
_cell.angle_gamma   90.00
#
_symmetry.space_group_name_H-M   'P 41'
#
loop_
_entity.id
_entity.type
_entity.pdbx_description
1 polymer 'Prostaglandin-H2 D-isomerase'
2 non-polymer 'OLEIC ACID'
3 non-polymer 'PALMITIC ACID'
4 non-polymer GLYCEROL
5 water water
#
_entity_poly.entity_id   1
_entity_poly.type   'polypeptide(L)'
_entity_poly.pdbx_seq_one_letter_code
;SVQPNFQQDKFLGRWFSAGLASNSSWLREKKAALSMAKSVVAPATDGGLNLTSTFLRKNQCETRTMLLQPAGSLGSYSYR
SPHWGSTYSVSVVETDYDQYALLYSQGSKGPGEDFRMATLYSRTQTPRAELKEKFTAFCKAQGFTEDTIVFLPQTDKCMT
EQ
;
_entity_poly.pdbx_strand_id   A,B
#
# COMPACT_ATOMS: atom_id res chain seq x y z
N SER A 1 2.21 8.17 -8.81
CA SER A 1 1.39 7.01 -8.29
C SER A 1 2.03 5.66 -8.53
N VAL A 2 1.50 4.64 -7.90
CA VAL A 2 2.06 3.32 -8.13
C VAL A 2 1.81 2.85 -9.59
N GLN A 3 2.66 1.97 -10.05
CA GLN A 3 2.51 1.30 -11.33
C GLN A 3 1.10 0.66 -11.38
N PRO A 4 0.30 0.97 -12.39
CA PRO A 4 -1.06 0.28 -12.41
C PRO A 4 -0.96 -1.27 -12.51
N ASN A 5 -1.91 -1.98 -11.89
CA ASN A 5 -1.96 -3.44 -11.99
C ASN A 5 -0.61 -4.08 -11.63
N PHE A 6 0.01 -3.56 -10.57
CA PHE A 6 1.34 -3.99 -10.20
C PHE A 6 1.29 -5.45 -9.80
N GLN A 7 2.23 -6.20 -10.34
CA GLN A 7 2.36 -7.62 -10.02
C GLN A 7 3.65 -7.88 -9.29
N GLN A 8 3.56 -7.97 -7.98
CA GLN A 8 4.76 -8.17 -7.15
C GLN A 8 5.71 -9.29 -7.61
N ASP A 9 5.16 -10.44 -7.96
CA ASP A 9 5.98 -11.62 -8.31
C ASP A 9 6.86 -11.37 -9.54
N LYS A 10 6.48 -10.39 -10.38
CA LYS A 10 7.28 -10.12 -11.59
C LYS A 10 8.37 -9.08 -11.28
N PHE A 11 8.27 -8.41 -10.14
CA PHE A 11 9.29 -7.52 -9.69
C PHE A 11 10.42 -8.17 -8.91
N LEU A 12 10.24 -9.42 -8.53
CA LEU A 12 11.25 -10.15 -7.80
CA LEU A 12 11.26 -10.12 -7.83
C LEU A 12 12.53 -10.33 -8.65
N GLY A 13 13.62 -10.79 -7.91
CA GLY A 13 14.83 -11.17 -8.64
C GLY A 13 15.93 -10.17 -8.62
N ARG A 14 16.81 -10.26 -9.61
CA ARG A 14 18.04 -9.48 -9.59
C ARG A 14 17.86 -8.16 -10.30
N TRP A 15 18.33 -7.07 -9.68
CA TRP A 15 18.31 -5.74 -10.27
C TRP A 15 19.65 -5.09 -9.94
N PHE A 16 19.96 -4.06 -10.69
CA PHE A 16 21.11 -3.24 -10.43
C PHE A 16 20.63 -1.82 -10.14
N SER A 17 21.20 -1.19 -9.09
CA SER A 17 20.82 0.17 -8.73
C SER A 17 21.63 1.08 -9.57
N ALA A 18 21.05 1.56 -10.65
CA ALA A 18 21.78 2.23 -11.71
C ALA A 18 21.79 3.76 -11.63
N GLY A 19 20.84 4.28 -10.89
CA GLY A 19 20.78 5.78 -10.78
C GLY A 19 19.95 6.11 -9.54
N LEU A 20 20.21 7.29 -9.01
CA LEU A 20 19.31 7.85 -7.99
C LEU A 20 19.29 9.36 -8.05
N ALA A 21 18.17 9.90 -7.63
CA ALA A 21 18.11 11.32 -7.42
C ALA A 21 17.61 11.59 -6.04
N SER A 22 18.13 12.63 -5.40
CA SER A 22 17.57 12.90 -4.08
C SER A 22 17.78 14.29 -3.68
N ASN A 23 16.89 14.76 -2.84
CA ASN A 23 17.07 16.11 -2.27
C ASN A 23 18.09 16.22 -1.12
N SER A 24 18.64 15.06 -0.71
CA SER A 24 19.71 14.99 0.30
C SER A 24 21.07 14.95 -0.44
N SER A 25 21.83 16.07 -0.41
CA SER A 25 23.23 16.09 -0.92
C SER A 25 24.07 15.05 -0.25
N TRP A 26 23.86 14.95 1.07
CA TRP A 26 24.64 13.97 1.86
C TRP A 26 24.42 12.53 1.37
N LEU A 27 23.15 12.13 1.20
CA LEU A 27 22.87 10.77 0.70
C LEU A 27 23.44 10.53 -0.68
N ARG A 28 23.30 11.48 -1.60
CA ARG A 28 23.84 11.28 -2.95
C ARG A 28 25.34 11.08 -2.92
N GLU A 29 26.01 11.90 -2.14
CA GLU A 29 27.47 11.90 -2.04
C GLU A 29 27.92 10.58 -1.40
N LYS A 30 27.28 10.19 -0.29
CA LYS A 30 27.64 8.90 0.40
C LYS A 30 27.50 7.71 -0.58
N LYS A 31 26.38 7.65 -1.28
CA LYS A 31 26.07 6.59 -2.24
C LYS A 31 27.07 6.58 -3.41
N ALA A 32 27.40 7.76 -3.93
CA ALA A 32 28.30 7.79 -5.09
C ALA A 32 29.75 7.35 -4.76
N ALA A 33 30.14 7.38 -3.47
CA ALA A 33 31.48 6.89 -3.02
C ALA A 33 31.46 5.37 -2.83
N LEU A 34 30.27 4.79 -2.95
CA LEU A 34 30.15 3.28 -2.90
C LEU A 34 30.17 2.76 -4.36
N SER A 35 30.52 1.48 -4.53
CA SER A 35 30.43 0.89 -5.87
C SER A 35 29.35 -0.17 -5.78
N MET A 36 28.32 -0.06 -6.61
CA MET A 36 27.12 -0.94 -6.45
C MET A 36 27.32 -2.26 -7.16
N ALA A 37 27.09 -3.36 -6.44
CA ALA A 37 26.93 -4.66 -7.04
C ALA A 37 25.40 -5.00 -7.13
N LYS A 38 25.03 -6.24 -7.11
CA LYS A 38 23.63 -6.55 -7.33
C LYS A 38 22.73 -6.08 -6.18
N SER A 39 21.47 -5.88 -6.49
CA SER A 39 20.39 -5.87 -5.51
C SER A 39 19.52 -7.05 -5.81
N VAL A 40 18.92 -7.64 -4.80
CA VAL A 40 18.02 -8.76 -5.06
C VAL A 40 16.73 -8.46 -4.34
N VAL A 41 15.61 -8.70 -4.99
CA VAL A 41 14.30 -8.51 -4.37
C VAL A 41 13.72 -9.94 -4.14
N ALA A 42 13.38 -10.23 -2.88
CA ALA A 42 12.90 -11.57 -2.49
C ALA A 42 11.67 -11.41 -1.62
N PRO A 43 10.75 -12.38 -1.68
CA PRO A 43 9.56 -12.19 -0.84
C PRO A 43 9.83 -12.20 0.63
N ALA A 44 9.20 -11.27 1.31
CA ALA A 44 9.27 -11.23 2.74
C ALA A 44 8.12 -12.02 3.37
N THR A 45 8.37 -12.48 4.59
CA THR A 45 7.40 -13.25 5.37
C THR A 45 6.13 -12.47 5.68
N ASP A 46 6.21 -11.15 5.67
CA ASP A 46 5.04 -10.26 5.90
C ASP A 46 4.18 -9.94 4.64
N GLY A 47 4.56 -10.51 3.48
CA GLY A 47 3.79 -10.43 2.25
C GLY A 47 4.37 -9.33 1.38
N GLY A 48 5.34 -8.64 1.95
CA GLY A 48 6.09 -7.56 1.21
C GLY A 48 7.39 -8.12 0.64
N LEU A 49 8.41 -7.28 0.63
CA LEU A 49 9.71 -7.62 -0.04
C LEU A 49 10.87 -7.37 0.87
N ASN A 50 11.90 -8.25 0.77
CA ASN A 50 13.23 -7.86 1.19
C ASN A 50 14.03 -7.36 0.04
N LEU A 51 14.54 -6.14 0.20
CA LEU A 51 15.40 -5.55 -0.83
C LEU A 51 16.84 -5.52 -0.33
N THR A 52 17.69 -6.38 -0.90
CA THR A 52 19.08 -6.50 -0.39
C THR A 52 20.05 -5.94 -1.39
N SER A 53 20.90 -5.03 -0.96
CA SER A 53 21.86 -4.40 -1.84
C SER A 53 23.26 -4.88 -1.34
N THR A 54 24.09 -5.26 -2.29
CA THR A 54 25.52 -5.64 -2.08
C THR A 54 26.31 -4.45 -2.75
N PHE A 55 27.32 -3.97 -2.04
CA PHE A 55 28.07 -2.76 -2.50
C PHE A 55 29.45 -2.74 -1.81
N LEU A 56 30.38 -2.00 -2.43
CA LEU A 56 31.74 -1.86 -1.95
C LEU A 56 31.83 -0.54 -1.21
N ARG A 57 32.23 -0.58 0.07
CA ARG A 57 32.42 0.68 0.86
C ARG A 57 33.88 0.68 1.33
N LYS A 58 34.65 1.71 0.97
CA LYS A 58 36.13 1.71 1.19
C LYS A 58 36.80 0.38 0.86
N ASN A 59 36.69 0.02 -0.42
CA ASN A 59 37.12 -1.26 -1.01
C ASN A 59 36.66 -2.54 -0.29
N GLN A 60 35.62 -2.49 0.56
CA GLN A 60 35.18 -3.69 1.33
C GLN A 60 33.75 -3.90 1.04
N CYS A 61 33.36 -5.16 0.93
CA CYS A 61 31.99 -5.48 0.53
C CYS A 61 31.06 -5.44 1.74
N GLU A 62 29.83 -5.02 1.50
CA GLU A 62 28.85 -5.03 2.55
C GLU A 62 27.53 -5.36 1.93
N THR A 63 26.63 -5.87 2.74
CA THR A 63 25.26 -6.09 2.22
C THR A 63 24.32 -5.40 3.19
N ARG A 64 23.20 -4.84 2.72
CA ARG A 64 22.21 -4.28 3.64
C ARG A 64 20.83 -4.72 3.14
N THR A 65 19.95 -5.14 4.04
CA THR A 65 18.62 -5.58 3.61
C THR A 65 17.64 -4.56 4.16
N MET A 66 16.72 -4.13 3.33
CA MET A 66 15.60 -3.32 3.76
C MET A 66 14.33 -4.11 3.64
N LEU A 67 13.57 -4.22 4.73
CA LEU A 67 12.24 -4.82 4.69
C LEU A 67 11.22 -3.81 4.23
N LEU A 68 10.59 -4.08 3.09
CA LEU A 68 9.59 -3.18 2.53
C LEU A 68 8.24 -3.82 2.90
N GLN A 69 7.60 -3.28 3.93
CA GLN A 69 6.28 -3.82 4.35
C GLN A 69 5.18 -3.28 3.44
N PRO A 70 4.22 -4.12 3.07
CA PRO A 70 3.10 -3.68 2.26
C PRO A 70 2.39 -2.51 2.95
N ALA A 71 2.12 -1.47 2.17
CA ALA A 71 1.47 -0.30 2.81
C ALA A 71 0.14 0.16 2.12
N GLY A 72 0.07 0.27 0.83
CA GLY A 72 -1.14 0.85 0.25
C GLY A 72 -1.53 0.03 -0.92
N SER A 73 -1.69 0.68 -2.06
CA SER A 73 -1.91 -0.03 -3.30
C SER A 73 -0.78 -1.00 -3.56
N LEU A 74 -1.08 -2.08 -4.31
CA LEU A 74 -0.09 -3.00 -4.72
C LEU A 74 1.05 -2.20 -5.38
N GLY A 75 2.22 -2.33 -4.79
CA GLY A 75 3.47 -1.65 -5.26
C GLY A 75 3.90 -0.53 -4.33
N SER A 76 3.15 -0.32 -3.25
CA SER A 76 3.42 0.72 -2.25
C SER A 76 3.79 0.04 -0.95
N TYR A 77 4.93 0.46 -0.37
CA TYR A 77 5.53 -0.22 0.80
C TYR A 77 5.94 0.83 1.81
N SER A 78 6.26 0.41 3.02
CA SER A 78 6.85 1.38 3.96
C SER A 78 8.08 0.73 4.54
N TYR A 79 9.05 1.58 4.85
CA TYR A 79 10.29 1.12 5.44
C TYR A 79 10.50 1.91 6.74
N ARG A 80 10.67 1.19 7.83
CA ARG A 80 10.85 1.83 9.13
C ARG A 80 12.33 1.78 9.47
N SER A 81 12.91 2.91 9.82
CA SER A 81 14.34 2.95 10.11
C SER A 81 14.56 3.35 11.56
N PRO A 82 14.96 2.40 12.40
CA PRO A 82 15.22 2.81 13.80
C PRO A 82 16.40 3.80 13.95
N HIS A 83 17.43 3.61 13.13
CA HIS A 83 18.65 4.44 13.09
C HIS A 83 18.37 5.92 12.73
N TRP A 84 17.41 6.14 11.84
CA TRP A 84 17.01 7.49 11.47
C TRP A 84 15.77 7.96 12.21
N GLY A 85 15.27 7.14 13.13
CA GLY A 85 13.99 7.41 13.84
C GLY A 85 12.83 7.89 12.96
N SER A 86 12.76 7.32 11.76
CA SER A 86 11.79 7.75 10.76
C SER A 86 11.20 6.56 9.98
N THR A 87 10.07 6.79 9.30
CA THR A 87 9.50 5.82 8.40
C THR A 87 9.38 6.46 7.03
N TYR A 88 9.40 5.63 6.01
CA TYR A 88 9.49 6.17 4.65
C TYR A 88 8.56 5.34 3.76
N SER A 89 7.80 6.02 2.90
CA SER A 89 7.00 5.30 1.89
C SER A 89 7.94 4.98 0.76
N VAL A 90 7.73 3.84 0.16
CA VAL A 90 8.58 3.40 -0.99
C VAL A 90 7.65 2.78 -2.00
N SER A 91 7.56 3.33 -3.22
CA SER A 91 6.58 2.87 -4.22
C SER A 91 7.22 2.54 -5.52
N VAL A 92 6.78 1.44 -6.17
CA VAL A 92 7.28 1.15 -7.54
C VAL A 92 6.32 1.95 -8.45
N VAL A 93 6.82 3.09 -8.88
CA VAL A 93 5.92 3.99 -9.55
C VAL A 93 5.83 3.71 -11.07
N GLU A 94 6.87 3.12 -11.65
CA GLU A 94 6.78 2.70 -13.08
C GLU A 94 7.68 1.50 -13.22
N THR A 95 7.21 0.49 -13.93
CA THR A 95 8.08 -0.65 -14.25
C THR A 95 7.53 -1.43 -15.43
N ASP A 96 8.41 -2.01 -16.22
CA ASP A 96 7.99 -2.98 -17.21
C ASP A 96 8.40 -4.38 -16.84
N TYR A 97 8.91 -4.49 -15.60
CA TYR A 97 9.39 -5.75 -14.93
C TYR A 97 10.62 -6.38 -15.56
N ASP A 98 10.68 -6.41 -16.90
CA ASP A 98 11.78 -7.14 -17.59
C ASP A 98 13.02 -6.28 -18.03
N GLN A 99 12.96 -4.98 -17.84
CA GLN A 99 14.11 -4.12 -18.11
C GLN A 99 14.37 -3.12 -16.97
N TYR A 100 13.33 -2.48 -16.44
CA TYR A 100 13.56 -1.36 -15.50
C TYR A 100 12.44 -1.28 -14.47
N ALA A 101 12.78 -0.61 -13.37
CA ALA A 101 11.78 -0.18 -12.40
C ALA A 101 12.23 1.15 -11.80
N LEU A 102 11.25 2.05 -11.55
CA LEU A 102 11.55 3.33 -10.87
C LEU A 102 10.91 3.26 -9.51
N LEU A 103 11.68 3.52 -8.47
CA LEU A 103 11.15 3.52 -7.11
C LEU A 103 11.17 4.93 -6.59
N TYR A 104 10.12 5.35 -5.93
CA TYR A 104 10.11 6.70 -5.39
C TYR A 104 9.89 6.60 -3.89
N SER A 105 10.81 7.17 -3.15
CA SER A 105 10.74 7.12 -1.65
C SER A 105 10.55 8.52 -1.06
N GLN A 106 9.67 8.64 -0.05
CA GLN A 106 9.50 9.89 0.69
C GLN A 106 9.41 9.59 2.19
N GLY A 107 10.09 10.39 3.00
CA GLY A 107 9.85 10.34 4.42
C GLY A 107 8.37 10.52 4.76
N SER A 108 7.87 9.70 5.67
CA SER A 108 6.47 9.93 6.13
C SER A 108 6.34 10.32 7.61
N LYS A 109 7.35 10.03 8.40
CA LYS A 109 7.31 10.35 9.83
C LYS A 109 8.76 10.50 10.31
N GLY A 110 8.96 11.35 11.33
CA GLY A 110 10.27 11.47 11.91
C GLY A 110 11.13 12.49 11.18
N PRO A 111 12.40 12.64 11.62
CA PRO A 111 13.21 13.72 11.02
C PRO A 111 13.46 13.51 9.51
N GLY A 112 13.24 12.28 9.05
CA GLY A 112 13.35 11.93 7.62
C GLY A 112 12.17 12.36 6.76
N GLU A 113 11.22 13.04 7.37
CA GLU A 113 10.01 13.42 6.69
C GLU A 113 10.27 14.15 5.40
N ASP A 114 11.34 14.91 5.30
CA ASP A 114 11.38 15.73 4.09
C ASP A 114 12.17 15.06 3.00
N PHE A 115 12.79 13.95 3.35
CA PHE A 115 13.70 13.27 2.40
C PHE A 115 12.88 12.78 1.19
N ARG A 116 13.40 12.93 -0.03
CA ARG A 116 12.73 12.38 -1.24
C ARG A 116 13.83 11.78 -2.08
N MET A 117 13.55 10.65 -2.74
CA MET A 117 14.57 10.00 -3.58
C MET A 117 13.85 9.21 -4.64
N ALA A 118 14.40 9.23 -5.84
CA ALA A 118 13.94 8.31 -6.91
C ALA A 118 15.14 7.41 -7.25
N THR A 119 14.89 6.12 -7.45
CA THR A 119 15.98 5.17 -7.81
C THR A 119 15.63 4.46 -9.10
N LEU A 120 16.60 4.29 -10.01
CA LEU A 120 16.43 3.53 -11.18
C LEU A 120 17.05 2.17 -10.91
N TYR A 121 16.24 1.12 -11.04
CA TYR A 121 16.73 -0.26 -11.04
C TYR A 121 16.66 -0.78 -12.46
N SER A 122 17.68 -1.53 -12.83
CA SER A 122 17.82 -2.09 -14.19
C SER A 122 18.17 -3.54 -14.14
N ARG A 123 17.60 -4.32 -15.07
CA ARG A 123 17.83 -5.80 -14.98
C ARG A 123 19.26 -6.09 -15.48
N THR A 124 19.84 -5.12 -16.14
CA THR A 124 21.24 -5.18 -16.62
C THR A 124 22.09 -4.13 -15.96
N GLN A 125 23.37 -4.48 -15.82
CA GLN A 125 24.20 -3.61 -14.97
C GLN A 125 24.53 -2.33 -15.69
N THR A 126 24.61 -2.37 -17.00
CA THR A 126 24.61 -1.06 -17.72
C THR A 126 23.25 -0.91 -18.35
N PRO A 127 22.42 0.03 -17.88
CA PRO A 127 21.06 0.21 -18.43
C PRO A 127 21.12 0.71 -19.88
N ARG A 128 20.30 0.24 -20.81
CA ARG A 128 20.25 0.96 -22.09
C ARG A 128 19.83 2.39 -21.93
N ALA A 129 20.24 3.18 -22.92
CA ALA A 129 20.06 4.60 -22.82
C ALA A 129 18.58 4.85 -22.67
N GLU A 130 17.70 4.02 -23.24
CA GLU A 130 16.24 4.30 -23.03
C GLU A 130 15.85 4.40 -21.59
N LEU A 131 16.48 3.54 -20.78
CA LEU A 131 16.09 3.46 -19.40
C LEU A 131 16.65 4.62 -18.59
N LYS A 132 17.81 5.13 -18.98
CA LYS A 132 18.34 6.29 -18.26
C LYS A 132 17.36 7.42 -18.49
N GLU A 133 16.88 7.56 -19.73
CA GLU A 133 15.96 8.63 -20.02
C GLU A 133 14.64 8.50 -19.34
N LYS A 134 14.17 7.28 -19.15
CA LYS A 134 12.92 7.09 -18.45
C LYS A 134 13.09 7.60 -17.01
N PHE A 135 14.25 7.31 -16.42
CA PHE A 135 14.58 7.82 -15.10
C PHE A 135 14.69 9.35 -15.01
N THR A 136 15.43 9.94 -15.93
CA THR A 136 15.74 11.36 -15.77
C THR A 136 14.46 12.15 -16.07
N ALA A 137 13.65 11.60 -16.99
CA ALA A 137 12.27 12.14 -17.28
C ALA A 137 11.42 12.19 -16.03
N PHE A 138 11.36 11.05 -15.32
CA PHE A 138 10.60 10.98 -14.08
C PHE A 138 11.13 11.98 -13.07
N CYS A 139 12.46 12.02 -12.92
CA CYS A 139 13.08 12.88 -11.87
C CYS A 139 12.71 14.33 -12.15
N LYS A 140 12.76 14.71 -13.40
CA LYS A 140 12.46 16.10 -13.76
C LYS A 140 11.00 16.37 -13.39
N ALA A 141 10.10 15.41 -13.70
CA ALA A 141 8.66 15.63 -13.45
C ALA A 141 8.39 15.76 -11.96
N GLN A 142 9.26 15.14 -11.16
CA GLN A 142 9.06 15.18 -9.74
C GLN A 142 9.84 16.27 -9.01
N GLY A 143 10.45 17.14 -9.76
CA GLY A 143 11.11 18.29 -9.21
C GLY A 143 12.50 18.11 -8.69
N PHE A 144 13.18 17.06 -9.13
CA PHE A 144 14.62 16.93 -8.91
C PHE A 144 15.38 17.69 -9.96
N THR A 145 16.25 18.57 -9.49
CA THR A 145 17.06 19.40 -10.39
C THR A 145 18.25 18.57 -10.89
N GLU A 146 18.84 19.02 -11.98
CA GLU A 146 19.63 18.14 -12.83
C GLU A 146 20.87 17.68 -12.07
N ASP A 147 21.39 18.54 -11.16
CA ASP A 147 22.55 18.10 -10.42
C ASP A 147 22.27 17.22 -9.21
N THR A 148 20.99 16.90 -8.96
CA THR A 148 20.65 15.96 -7.92
C THR A 148 20.35 14.60 -8.56
N ILE A 149 20.51 14.51 -9.88
CA ILE A 149 20.25 13.20 -10.54
C ILE A 149 21.58 12.57 -10.80
N VAL A 150 21.85 11.44 -10.17
CA VAL A 150 23.13 10.84 -10.45
C VAL A 150 23.14 9.38 -10.86
N PHE A 151 24.03 9.06 -11.75
CA PHE A 151 24.21 7.65 -12.13
C PHE A 151 25.34 7.01 -11.26
N LEU A 152 25.06 5.84 -10.71
CA LEU A 152 25.89 5.29 -9.61
C LEU A 152 26.95 4.35 -10.12
N PRO A 153 28.20 4.53 -9.62
CA PRO A 153 29.27 3.65 -10.12
C PRO A 153 28.96 2.19 -9.75
N GLN A 154 29.36 1.31 -10.64
CA GLN A 154 29.06 -0.10 -10.50
C GLN A 154 30.31 -0.90 -10.38
N THR A 155 30.24 -2.07 -9.74
CA THR A 155 31.34 -3.01 -9.72
C THR A 155 30.87 -4.45 -9.75
N ASP A 156 31.81 -5.33 -10.09
CA ASP A 156 31.53 -6.75 -10.19
C ASP A 156 32.26 -7.40 -9.08
N LYS A 157 33.00 -6.59 -8.31
CA LYS A 157 33.50 -7.16 -7.04
C LYS A 157 32.27 -7.44 -6.13
N CYS A 158 32.43 -8.33 -5.15
CA CYS A 158 31.39 -8.54 -4.12
C CYS A 158 30.40 -9.55 -4.64
N MET A 159 30.59 -9.99 -5.88
CA MET A 159 29.87 -11.17 -6.35
C MET A 159 30.77 -11.96 -7.32
N THR A 160 30.57 -13.28 -7.48
CA THR A 160 29.67 -14.17 -6.74
C THR A 160 29.33 -13.81 -5.27
N SER B 1 -27.13 7.82 8.13
CA SER B 1 -27.60 8.33 6.80
C SER B 1 -27.09 7.43 5.69
N VAL B 2 -27.91 7.26 4.65
CA VAL B 2 -27.62 6.24 3.64
C VAL B 2 -27.79 6.80 2.24
N GLN B 3 -27.08 6.18 1.30
CA GLN B 3 -27.14 6.46 -0.14
C GLN B 3 -28.60 6.49 -0.59
N PRO B 4 -29.05 7.65 -1.15
CA PRO B 4 -30.42 7.82 -1.64
C PRO B 4 -30.77 6.74 -2.68
N ASN B 5 -32.00 6.23 -2.60
CA ASN B 5 -32.47 5.10 -3.42
C ASN B 5 -31.48 3.94 -3.56
N PHE B 6 -30.89 3.55 -2.44
CA PHE B 6 -29.92 2.43 -2.43
C PHE B 6 -30.52 1.16 -3.06
N GLN B 7 -29.77 0.55 -3.96
CA GLN B 7 -30.16 -0.66 -4.69
C GLN B 7 -29.19 -1.77 -4.25
N GLN B 8 -29.63 -2.58 -3.29
CA GLN B 8 -28.80 -3.69 -2.78
C GLN B 8 -28.24 -4.58 -3.88
N ASP B 9 -29.10 -4.99 -4.82
CA ASP B 9 -28.62 -5.86 -5.92
C ASP B 9 -27.33 -5.25 -6.58
N LYS B 10 -27.29 -3.94 -6.70
CA LYS B 10 -26.16 -3.33 -7.40
C LYS B 10 -24.88 -3.21 -6.58
N PHE B 11 -24.99 -3.46 -5.28
CA PHE B 11 -23.91 -3.32 -4.31
C PHE B 11 -23.27 -4.67 -4.13
N LEU B 12 -23.96 -5.72 -4.59
CA LEU B 12 -23.42 -7.07 -4.44
C LEU B 12 -22.16 -7.25 -5.26
N GLY B 13 -21.41 -8.29 -4.93
CA GLY B 13 -20.26 -8.67 -5.78
C GLY B 13 -18.92 -8.44 -5.12
N ARG B 14 -17.88 -8.44 -5.96
CA ARG B 14 -16.49 -8.28 -5.52
C ARG B 14 -16.15 -6.84 -5.28
N TRP B 15 -15.57 -6.55 -4.13
CA TRP B 15 -14.99 -5.24 -3.81
C TRP B 15 -13.60 -5.41 -3.27
N PHE B 16 -12.80 -4.36 -3.30
CA PHE B 16 -11.54 -4.34 -2.56
C PHE B 16 -11.65 -3.35 -1.39
N SER B 17 -11.15 -3.75 -0.24
CA SER B 17 -11.12 -2.83 0.93
C SER B 17 -9.88 -1.94 0.84
N ALA B 18 -10.04 -0.76 0.26
CA ALA B 18 -8.91 0.08 -0.07
C ALA B 18 -8.49 1.03 1.07
N GLY B 19 -9.43 1.36 1.95
CA GLY B 19 -9.03 2.31 3.01
C GLY B 19 -10.01 2.21 4.19
N LEU B 20 -9.58 2.77 5.31
CA LEU B 20 -10.45 2.83 6.45
C LEU B 20 -9.99 4.02 7.28
N ALA B 21 -10.89 4.63 8.05
CA ALA B 21 -10.50 5.53 9.13
C ALA B 21 -11.21 5.06 10.35
N SER B 22 -10.56 5.16 11.52
CA SER B 22 -11.16 4.65 12.71
C SER B 22 -10.63 5.35 13.92
N ASN B 23 -11.43 5.38 14.98
CA ASN B 23 -10.89 5.81 16.27
C ASN B 23 -10.22 4.69 17.11
N SER B 24 -10.19 3.46 16.63
CA SER B 24 -9.39 2.42 17.30
C SER B 24 -7.97 2.37 16.73
N SER B 25 -6.94 2.65 17.55
CA SER B 25 -5.58 2.56 17.01
C SER B 25 -5.17 1.10 16.88
N TRP B 26 -5.69 0.24 17.77
CA TRP B 26 -5.43 -1.22 17.70
C TRP B 26 -5.93 -1.78 16.37
N LEU B 27 -7.16 -1.42 16.01
CA LEU B 27 -7.70 -1.87 14.73
C LEU B 27 -6.89 -1.30 13.57
N ARG B 28 -6.60 0.01 13.58
CA ARG B 28 -5.78 0.63 12.49
C ARG B 28 -4.48 -0.15 12.35
N GLU B 29 -3.89 -0.50 13.48
CA GLU B 29 -2.63 -1.26 13.55
C GLU B 29 -2.71 -2.69 13.00
N LYS B 30 -3.69 -3.46 13.49
CA LYS B 30 -3.86 -4.85 13.09
C LYS B 30 -4.15 -4.92 11.60
N LYS B 31 -5.07 -4.06 11.14
CA LYS B 31 -5.39 -4.05 9.68
C LYS B 31 -4.25 -3.62 8.76
N ALA B 32 -3.46 -2.62 9.13
CA ALA B 32 -2.28 -2.25 8.31
C ALA B 32 -1.19 -3.35 8.28
N ALA B 33 -1.24 -4.30 9.21
CA ALA B 33 -0.27 -5.40 9.26
C ALA B 33 -0.71 -6.68 8.51
N LEU B 34 -1.77 -6.54 7.72
CA LEU B 34 -2.31 -7.58 6.87
C LEU B 34 -2.34 -7.01 5.47
N SER B 35 -2.37 -7.87 4.47
CA SER B 35 -2.55 -7.37 3.10
C SER B 35 -3.92 -7.84 2.61
N MET B 36 -4.72 -6.92 2.07
CA MET B 36 -6.10 -7.28 1.76
C MET B 36 -6.15 -7.91 0.38
N ALA B 37 -6.83 -9.01 0.24
CA ALA B 37 -7.25 -9.49 -1.09
C ALA B 37 -8.76 -9.09 -1.29
N LYS B 38 -9.58 -9.89 -1.96
CA LYS B 38 -10.91 -9.35 -2.29
C LYS B 38 -11.89 -9.40 -1.09
N SER B 39 -12.95 -8.59 -1.13
CA SER B 39 -14.15 -8.91 -0.28
C SER B 39 -15.31 -9.15 -1.21
N VAL B 40 -16.21 -10.04 -0.82
CA VAL B 40 -17.34 -10.31 -1.64
C VAL B 40 -18.59 -10.13 -0.80
N VAL B 41 -19.55 -9.38 -1.37
CA VAL B 41 -20.88 -9.12 -0.74
C VAL B 41 -21.89 -9.99 -1.51
N ALA B 42 -22.43 -10.98 -0.82
CA ALA B 42 -23.42 -11.93 -1.38
C ALA B 42 -24.55 -12.18 -0.39
N PRO B 43 -25.76 -12.40 -0.92
CA PRO B 43 -26.87 -12.83 -0.07
C PRO B 43 -26.46 -14.09 0.70
N ALA B 44 -26.78 -14.13 1.99
CA ALA B 44 -26.61 -15.33 2.79
C ALA B 44 -27.83 -16.25 2.68
N THR B 45 -27.60 -17.55 2.82
CA THR B 45 -28.67 -18.54 2.73
C THR B 45 -29.83 -18.27 3.67
N ASP B 46 -29.54 -17.89 4.91
CA ASP B 46 -30.57 -17.63 5.92
C ASP B 46 -30.97 -16.15 6.05
N GLY B 47 -30.60 -15.35 5.05
CA GLY B 47 -31.09 -13.97 4.95
C GLY B 47 -29.99 -12.96 5.22
N GLY B 48 -30.21 -11.73 4.74
CA GLY B 48 -29.21 -10.65 4.99
C GLY B 48 -28.00 -10.89 4.12
N LEU B 49 -26.89 -10.20 4.40
CA LEU B 49 -25.76 -10.24 3.44
C LEU B 49 -24.53 -10.82 4.10
N ASN B 50 -23.80 -11.68 3.39
CA ASN B 50 -22.52 -12.12 3.89
C ASN B 50 -21.47 -11.19 3.32
N LEU B 51 -20.62 -10.62 4.18
CA LEU B 51 -19.44 -9.88 3.69
C LEU B 51 -18.20 -10.72 4.02
N THR B 52 -17.57 -11.30 2.99
CA THR B 52 -16.50 -12.27 3.19
C THR B 52 -15.20 -11.62 2.77
N SER B 53 -14.23 -11.54 3.66
CA SER B 53 -12.95 -10.87 3.32
C SER B 53 -11.86 -11.93 3.20
N THR B 54 -11.04 -11.81 2.15
CA THR B 54 -9.86 -12.66 2.01
C THR B 54 -8.66 -11.80 2.21
N PHE B 55 -7.69 -12.28 2.98
CA PHE B 55 -6.48 -11.48 3.23
C PHE B 55 -5.27 -12.37 3.52
N LEU B 56 -4.10 -11.77 3.58
CA LEU B 56 -2.86 -12.50 3.74
C LEU B 56 -2.32 -12.14 5.12
N ARG B 57 -2.18 -13.12 5.95
CA ARG B 57 -1.60 -12.90 7.23
C ARG B 57 -0.35 -13.72 7.27
N LYS B 58 0.78 -13.02 7.28
CA LYS B 58 2.10 -13.59 7.16
C LYS B 58 2.26 -14.47 5.92
N ASN B 59 1.96 -14.03 4.74
CA ASN B 59 2.09 -14.98 3.62
C ASN B 59 1.20 -16.25 3.66
N GLN B 60 0.16 -16.29 4.47
CA GLN B 60 -0.88 -17.29 4.46
C GLN B 60 -2.27 -16.70 4.20
N CYS B 61 -3.01 -17.33 3.31
CA CYS B 61 -4.33 -16.82 2.94
C CYS B 61 -5.34 -17.24 3.97
N GLU B 62 -6.23 -16.31 4.30
CA GLU B 62 -7.24 -16.56 5.29
C GLU B 62 -8.49 -15.82 4.85
N THR B 63 -9.63 -16.31 5.31
CA THR B 63 -10.93 -15.72 4.99
C THR B 63 -11.73 -15.57 6.27
N ARG B 64 -12.50 -14.49 6.37
CA ARG B 64 -13.43 -14.26 7.48
C ARG B 64 -14.73 -13.65 6.97
N THR B 65 -15.85 -14.20 7.44
CA THR B 65 -17.18 -13.76 6.96
C THR B 65 -17.91 -13.01 8.07
N MET B 66 -18.56 -11.91 7.69
CA MET B 66 -19.42 -11.16 8.60
C MET B 66 -20.85 -11.10 8.11
N LEU B 67 -21.82 -11.46 8.96
CA LEU B 67 -23.24 -11.46 8.54
C LEU B 67 -23.85 -10.11 8.85
N LEU B 68 -24.47 -9.51 7.85
CA LEU B 68 -25.08 -8.23 8.00
C LEU B 68 -26.57 -8.43 7.85
N GLN B 69 -27.34 -7.97 8.83
CA GLN B 69 -28.81 -8.06 8.75
C GLN B 69 -29.33 -6.69 8.38
N PRO B 70 -30.39 -6.66 7.60
CA PRO B 70 -31.00 -5.36 7.26
C PRO B 70 -31.42 -4.66 8.55
N ALA B 71 -31.32 -3.33 8.57
CA ALA B 71 -31.52 -2.54 9.81
C ALA B 71 -32.29 -1.21 9.65
N GLY B 72 -33.29 -1.19 8.78
CA GLY B 72 -34.35 -0.20 8.88
C GLY B 72 -34.51 0.89 7.81
N SER B 73 -33.57 0.94 6.88
CA SER B 73 -33.68 1.80 5.70
C SER B 73 -32.89 1.09 4.61
N LEU B 74 -33.08 1.49 3.35
CA LEU B 74 -32.30 0.87 2.27
C LEU B 74 -30.87 1.30 2.52
N GLY B 75 -29.97 0.36 2.84
CA GLY B 75 -28.54 0.65 2.98
C GLY B 75 -28.00 0.62 4.40
N SER B 76 -28.87 0.43 5.40
CA SER B 76 -28.46 0.23 6.80
C SER B 76 -28.54 -1.21 7.19
N TYR B 77 -27.51 -1.67 7.90
CA TYR B 77 -27.36 -3.05 8.34
C TYR B 77 -26.88 -3.05 9.77
N SER B 78 -26.93 -4.24 10.38
CA SER B 78 -26.43 -4.44 11.75
C SER B 78 -25.58 -5.67 11.74
N TYR B 79 -24.49 -5.69 12.51
CA TYR B 79 -23.59 -6.79 12.66
C TYR B 79 -23.41 -7.12 14.16
N ARG B 80 -23.67 -8.36 14.53
CA ARG B 80 -23.43 -8.79 15.90
C ARG B 80 -22.20 -9.67 15.93
N SER B 81 -21.24 -9.34 16.83
CA SER B 81 -19.98 -10.06 16.98
C SER B 81 -20.00 -10.90 18.25
N PRO B 82 -19.77 -12.22 18.12
CA PRO B 82 -19.69 -13.06 19.32
C PRO B 82 -18.41 -12.78 20.11
N HIS B 83 -17.26 -12.78 19.43
CA HIS B 83 -15.95 -12.63 20.09
C HIS B 83 -15.77 -11.29 20.79
N TRP B 84 -16.32 -10.22 20.18
CA TRP B 84 -16.28 -8.89 20.78
C TRP B 84 -17.44 -8.63 21.71
N GLY B 85 -18.43 -9.52 21.72
CA GLY B 85 -19.65 -9.37 22.50
C GLY B 85 -20.44 -8.07 22.32
N SER B 86 -20.37 -7.48 21.13
CA SER B 86 -20.92 -6.17 20.80
C SER B 86 -21.76 -6.20 19.49
N THR B 87 -22.59 -5.17 19.30
CA THR B 87 -23.30 -4.99 18.06
C THR B 87 -22.93 -3.66 17.38
N TYR B 88 -22.96 -3.63 16.06
CA TYR B 88 -22.52 -2.45 15.30
C TYR B 88 -23.54 -2.13 14.21
N SER B 89 -23.79 -0.85 13.99
CA SER B 89 -24.45 -0.44 12.79
C SER B 89 -23.47 -0.22 11.64
N VAL B 90 -23.92 -0.58 10.44
CA VAL B 90 -23.10 -0.59 9.22
C VAL B 90 -23.98 -0.01 8.12
N SER B 91 -23.61 1.16 7.63
CA SER B 91 -24.37 1.80 6.59
C SER B 91 -23.57 2.08 5.33
N VAL B 92 -24.22 1.86 4.18
CA VAL B 92 -23.67 2.30 2.88
C VAL B 92 -24.08 3.76 2.68
N VAL B 93 -23.15 4.67 2.93
CA VAL B 93 -23.47 6.12 2.90
C VAL B 93 -23.51 6.75 1.51
N GLU B 94 -22.58 6.34 0.65
CA GLU B 94 -22.51 6.80 -0.74
C GLU B 94 -21.98 5.64 -1.54
N THR B 95 -22.54 5.44 -2.73
CA THR B 95 -21.96 4.50 -3.65
C THR B 95 -22.46 4.74 -5.05
N ASP B 96 -21.58 4.66 -6.05
CA ASP B 96 -22.06 4.54 -7.44
C ASP B 96 -22.18 3.11 -7.96
N TYR B 97 -21.94 2.14 -7.08
CA TYR B 97 -22.13 0.71 -7.40
C TYR B 97 -21.01 0.13 -8.23
N ASP B 98 -20.57 0.85 -9.25
CA ASP B 98 -19.56 0.35 -10.20
C ASP B 98 -18.13 0.81 -9.93
N GLN B 99 -17.94 1.71 -8.97
CA GLN B 99 -16.57 2.21 -8.68
C GLN B 99 -16.24 2.15 -7.20
N TYR B 100 -17.14 2.69 -6.39
CA TYR B 100 -16.82 2.82 -4.96
C TYR B 100 -18.03 2.68 -4.05
N ALA B 101 -17.78 2.43 -2.78
CA ALA B 101 -18.86 2.50 -1.78
C ALA B 101 -18.18 2.96 -0.51
N LEU B 102 -18.79 3.92 0.16
CA LEU B 102 -18.25 4.44 1.43
C LEU B 102 -19.19 3.91 2.49
N LEU B 103 -18.64 3.19 3.45
CA LEU B 103 -19.41 2.58 4.53
C LEU B 103 -19.09 3.29 5.84
N TYR B 104 -20.06 3.43 6.71
CA TYR B 104 -19.80 4.04 8.00
C TYR B 104 -20.35 3.11 9.05
N SER B 105 -19.48 2.66 9.94
CA SER B 105 -19.90 1.76 11.01
C SER B 105 -19.75 2.40 12.40
N GLN B 106 -20.67 2.06 13.29
CA GLN B 106 -20.67 2.65 14.62
C GLN B 106 -21.13 1.61 15.61
N GLY B 107 -20.41 1.46 16.72
CA GLY B 107 -20.83 0.48 17.69
C GLY B 107 -22.16 0.95 18.28
N SER B 108 -23.01 0.02 18.66
CA SER B 108 -24.31 0.40 19.27
C SER B 108 -24.52 -0.22 20.65
N LYS B 109 -23.90 -1.38 20.93
CA LYS B 109 -24.11 -2.12 22.18
C LYS B 109 -22.84 -2.93 22.52
N GLY B 110 -22.57 -3.16 23.80
CA GLY B 110 -21.31 -3.81 24.18
C GLY B 110 -20.11 -2.90 24.26
N PRO B 111 -18.93 -3.46 24.58
CA PRO B 111 -17.73 -2.61 24.72
C PRO B 111 -17.35 -1.75 23.51
N GLY B 112 -17.76 -2.16 22.31
CA GLY B 112 -17.39 -1.49 21.06
C GLY B 112 -18.35 -0.35 20.71
N GLU B 113 -19.17 0.03 21.67
CA GLU B 113 -20.12 1.15 21.54
C GLU B 113 -19.58 2.48 20.99
N ASP B 114 -18.35 2.87 21.35
CA ASP B 114 -17.79 4.15 20.92
C ASP B 114 -17.09 4.09 19.58
N PHE B 115 -16.95 2.87 19.05
CA PHE B 115 -16.27 2.66 17.77
C PHE B 115 -16.90 3.45 16.65
N ARG B 116 -16.06 4.01 15.77
CA ARG B 116 -16.51 4.70 14.58
C ARG B 116 -15.51 4.26 13.52
N MET B 117 -16.03 3.76 12.41
CA MET B 117 -15.12 3.44 11.31
C MET B 117 -15.74 3.72 9.99
N ALA B 118 -14.97 4.38 9.14
CA ALA B 118 -15.41 4.55 7.77
C ALA B 118 -14.57 3.59 6.95
N THR B 119 -15.14 3.11 5.86
CA THR B 119 -14.43 2.14 5.03
C THR B 119 -14.63 2.52 3.58
N LEU B 120 -13.56 2.49 2.80
CA LEU B 120 -13.65 2.69 1.34
C LEU B 120 -13.56 1.34 0.69
N TYR B 121 -14.61 0.95 -0.03
CA TYR B 121 -14.55 -0.25 -0.91
C TYR B 121 -14.45 0.25 -2.32
N SER B 122 -13.59 -0.37 -3.10
CA SER B 122 -13.43 0.01 -4.50
C SER B 122 -13.59 -1.26 -5.40
N ARG B 123 -14.16 -1.11 -6.60
CA ARG B 123 -14.28 -2.25 -7.51
C ARG B 123 -12.92 -2.51 -8.20
N THR B 124 -11.97 -1.56 -8.10
CA THR B 124 -10.66 -1.79 -8.61
C THR B 124 -9.72 -1.76 -7.42
N GLN B 125 -8.70 -2.58 -7.52
CA GLN B 125 -7.85 -2.76 -6.36
C GLN B 125 -6.90 -1.59 -6.11
N THR B 126 -6.59 -0.82 -7.16
CA THR B 126 -5.78 0.39 -7.01
C THR B 126 -6.65 1.57 -7.36
N PRO B 127 -7.39 2.16 -6.38
CA PRO B 127 -8.34 3.25 -6.65
C PRO B 127 -7.66 4.47 -7.20
N ARG B 128 -8.20 5.01 -8.29
CA ARG B 128 -7.69 6.27 -8.78
C ARG B 128 -7.77 7.38 -7.72
N ALA B 129 -6.94 8.42 -7.88
CA ALA B 129 -6.79 9.43 -6.82
C ALA B 129 -8.07 10.22 -6.44
N GLU B 130 -9.06 10.29 -7.33
CA GLU B 130 -10.31 11.02 -6.99
C GLU B 130 -11.10 10.28 -5.93
N LEU B 131 -11.18 8.98 -6.11
CA LEU B 131 -11.68 8.11 -5.09
C LEU B 131 -10.96 8.35 -3.77
N LYS B 132 -9.64 8.34 -3.77
CA LYS B 132 -8.94 8.50 -2.50
C LYS B 132 -9.22 9.85 -1.89
N GLU B 133 -9.24 10.92 -2.69
CA GLU B 133 -9.48 12.19 -2.09
C GLU B 133 -10.94 12.29 -1.64
N LYS B 134 -11.86 11.63 -2.36
CA LYS B 134 -13.27 11.64 -2.01
C LYS B 134 -13.49 10.90 -0.68
N PHE B 135 -12.78 9.80 -0.46
CA PHE B 135 -12.79 9.12 0.83
C PHE B 135 -12.17 9.97 1.95
N THR B 136 -11.04 10.63 1.70
CA THR B 136 -10.41 11.48 2.74
C THR B 136 -11.41 12.60 3.14
N ALA B 137 -12.14 13.13 2.16
CA ALA B 137 -13.10 14.21 2.40
C ALA B 137 -14.37 13.75 3.12
N PHE B 138 -14.83 12.53 2.86
CA PHE B 138 -15.86 11.91 3.67
C PHE B 138 -15.36 11.69 5.10
N CYS B 139 -14.11 11.25 5.27
CA CYS B 139 -13.60 10.99 6.62
C CYS B 139 -13.52 12.28 7.43
N LYS B 140 -12.99 13.34 6.82
CA LYS B 140 -12.90 14.65 7.47
C LYS B 140 -14.31 15.22 7.80
N ALA B 141 -15.33 14.80 7.04
CA ALA B 141 -16.74 15.16 7.30
C ALA B 141 -17.35 14.41 8.50
N GLN B 142 -16.78 13.26 8.80
CA GLN B 142 -17.11 12.50 10.01
C GLN B 142 -16.13 12.92 11.11
N GLY B 143 -15.32 13.93 10.78
CA GLY B 143 -14.44 14.54 11.76
C GLY B 143 -13.30 13.65 12.17
N PHE B 144 -12.90 12.74 11.27
CA PHE B 144 -11.75 11.92 11.49
C PHE B 144 -10.54 12.75 11.12
N THR B 145 -9.54 12.67 11.99
CA THR B 145 -8.33 13.38 11.80
C THR B 145 -7.43 12.61 10.85
N GLU B 146 -6.48 13.33 10.24
CA GLU B 146 -5.59 12.77 9.22
C GLU B 146 -4.89 11.48 9.68
N ASP B 147 -4.48 11.46 10.94
CA ASP B 147 -3.77 10.34 11.56
C ASP B 147 -4.64 9.12 11.78
N THR B 148 -5.94 9.26 11.58
CA THR B 148 -6.78 8.09 11.74
C THR B 148 -7.19 7.47 10.42
N ILE B 149 -6.74 8.06 9.31
CA ILE B 149 -7.09 7.54 7.99
C ILE B 149 -5.95 6.64 7.49
N VAL B 150 -6.29 5.44 7.06
CA VAL B 150 -5.30 4.47 6.59
C VAL B 150 -5.72 3.94 5.21
N PHE B 151 -4.82 4.05 4.22
CA PHE B 151 -5.07 3.27 3.02
C PHE B 151 -4.45 1.88 3.24
N LEU B 152 -5.27 0.83 3.09
CA LEU B 152 -4.90 -0.54 3.46
C LEU B 152 -3.98 -1.21 2.50
N PRO B 153 -3.06 -2.03 3.02
CA PRO B 153 -2.20 -2.74 2.04
C PRO B 153 -2.97 -3.83 1.29
N GLN B 154 -2.50 -4.10 0.07
CA GLN B 154 -3.19 -4.99 -0.86
C GLN B 154 -2.27 -6.14 -1.29
N THR B 155 -2.87 -7.24 -1.71
CA THR B 155 -2.15 -8.36 -2.31
C THR B 155 -2.91 -8.93 -3.52
N ASP B 156 -2.15 -9.53 -4.44
CA ASP B 156 -2.74 -10.20 -5.59
C ASP B 156 -2.92 -11.65 -5.28
N LYS B 157 -2.37 -12.06 -4.15
CA LYS B 157 -2.54 -13.46 -3.73
C LYS B 157 -3.98 -13.72 -3.23
N CYS B 158 -4.29 -15.02 -3.10
CA CYS B 158 -5.49 -15.47 -2.37
C CYS B 158 -6.75 -15.35 -3.18
N MET B 159 -6.61 -15.23 -4.48
CA MET B 159 -7.74 -14.86 -5.30
C MET B 159 -8.11 -16.12 -6.04
N THR B 160 -9.04 -16.86 -5.44
CA THR B 160 -9.70 -18.05 -5.99
C THR B 160 -10.87 -18.36 -5.09
#